data_7LYD
#
_entry.id   7LYD
#
_cell.length_a   114.170
_cell.length_b   114.170
_cell.length_c   308.720
_cell.angle_alpha   90.00
_cell.angle_beta   90.00
_cell.angle_gamma   120.00
#
_symmetry.space_group_name_H-M   'H 3 2'
#
loop_
_entity.id
_entity.type
_entity.pdbx_description
1 polymer GP1
2 polymer GP2
3 branched alpha-D-mannopyranose-(1-3)-[alpha-D-mannopyranose-(1-6)]beta-D-mannopyranose-(1-4)-2-acetamido-2-deoxy-beta-D-glucopyranose-(1-4)-2-acetamido-2-deoxy-beta-D-glucopyranose
4 non-polymer 2-acetamido-2-deoxy-beta-D-glucopyranose
5 non-polymer (1R,3S,5S,7S)-N-[(1r,4R)-4-aminocyclohexyl]-3-[(methylsulfanyl)methyl]-5-phenyladamantane-1-carboxamide
6 non-polymer GLYCEROL
7 water water
#
loop_
_entity_poly.entity_id
_entity_poly.type
_entity_poly.pdbx_seq_one_letter_code
_entity_poly.pdbx_strand_id
1 'polypeptide(L)'
;ETGRSIPLGVIHNSALQVSDVDKLVCRDKLSSTNQLRSVGLNLEGNGVATDVPSATKRWGFRSGVPPKVVNYEAGEWAEN
CYNLEIKKPDGSECLPAAPDGIRGFPRCRYVHKVSGTGPCAGDFAFHKEGAFFLYDRLASTVIYRGTTFAEGVVAFLILP
QAKKDFFSSHPLREPVNATEDPSSGYYSTTIRYQATGFGTNETEYLFEVDNLTYVQLESRFTPQFLLQLNETIYTSGKRS
NTTGKLIWKVNPEIDTTIGEWAFWETKKNLTRKIRSEELSFTVVS(UNK)(UNK)(UNK)(UNK)(UNK)(UNK)
;
A
2 'polypeptide(L)'
;EAIVNAQPKCNPNLHYWTTQDEGAAIGLAWIPYFGPAAEGIYIEGLMHNQDGLICGLRQLANETTQALQLFLRATTELRT
FSILNRKAIDFLLQRWGGTCHILGPDCCIEPADWTKNITDKIDQIIHDFVDGSGYIPEAPRDGQAYVRKDGEWVLLSTFL
GTHHHHHH
;
B
#
# COMPACT_ATOMS: atom_id res chain seq x y z
N ARG A 4 21.34 -2.63 1.17
CA ARG A 4 21.95 -2.08 -0.04
C ARG A 4 20.92 -1.52 -1.02
N SER A 5 20.80 -2.17 -2.17
CA SER A 5 19.94 -1.68 -3.25
C SER A 5 18.49 -2.11 -3.03
N ILE A 6 17.59 -1.53 -3.82
CA ILE A 6 16.17 -1.85 -3.70
C ILE A 6 15.92 -3.29 -4.14
N PRO A 7 15.34 -4.14 -3.29
CA PRO A 7 15.17 -5.55 -3.65
C PRO A 7 14.12 -5.71 -4.75
N LEU A 8 14.28 -6.79 -5.50
CA LEU A 8 13.37 -7.14 -6.58
C LEU A 8 12.94 -8.58 -6.40
N GLY A 9 11.63 -8.81 -6.27
CA GLY A 9 11.12 -10.14 -6.04
C GLY A 9 10.98 -10.92 -7.34
N VAL A 10 11.27 -12.23 -7.26
CA VAL A 10 11.22 -13.12 -8.42
C VAL A 10 10.80 -14.51 -7.94
N ILE A 11 10.02 -15.20 -8.77
CA ILE A 11 9.52 -16.54 -8.45
C ILE A 11 10.53 -17.58 -8.92
N HIS A 12 11.00 -18.42 -7.99
CA HIS A 12 11.99 -19.44 -8.28
C HIS A 12 11.80 -20.63 -7.34
N ASN A 13 11.85 -21.84 -7.89
CA ASN A 13 11.65 -23.06 -7.10
C ASN A 13 10.33 -23.03 -6.34
N SER A 14 9.26 -22.60 -7.02
CA SER A 14 7.92 -22.52 -6.43
C SER A 14 7.89 -21.62 -5.20
N ALA A 15 8.75 -20.61 -5.14
CA ALA A 15 8.81 -19.73 -3.99
C ALA A 15 9.25 -18.35 -4.45
N LEU A 16 8.82 -17.32 -3.71
CA LEU A 16 9.27 -15.96 -3.99
C LEU A 16 10.63 -15.73 -3.37
N GLN A 17 11.55 -15.16 -4.14
CA GLN A 17 12.90 -14.88 -3.68
C GLN A 17 13.26 -13.44 -4.02
N VAL A 18 14.30 -12.93 -3.35
CA VAL A 18 14.95 -11.68 -3.73
C VAL A 18 16.17 -12.03 -4.56
N SER A 19 16.31 -11.40 -5.72
CA SER A 19 17.38 -11.73 -6.66
C SER A 19 18.69 -11.08 -6.23
N ASP A 20 19.75 -11.88 -6.14
CA ASP A 20 21.07 -11.36 -5.79
C ASP A 20 21.65 -10.60 -6.98
N VAL A 21 22.02 -9.34 -6.76
CA VAL A 21 22.63 -8.55 -7.83
C VAL A 21 24.06 -8.99 -8.06
N ASP A 22 24.76 -9.42 -7.01
CA ASP A 22 26.14 -9.88 -7.15
C ASP A 22 26.26 -11.18 -7.92
N LYS A 23 25.16 -11.88 -8.17
CA LYS A 23 25.16 -13.14 -8.92
C LYS A 23 24.24 -13.00 -10.13
N LEU A 24 24.77 -13.35 -11.30
CA LEU A 24 24.05 -13.25 -12.56
C LEU A 24 23.45 -14.61 -12.91
N VAL A 25 22.15 -14.64 -13.20
CA VAL A 25 21.44 -15.86 -13.60
C VAL A 25 20.96 -15.66 -15.03
N CYS A 26 21.58 -16.38 -15.96
CA CYS A 26 21.22 -16.23 -17.37
C CYS A 26 19.86 -16.84 -17.68
N ARG A 27 19.44 -17.86 -16.92
CA ARG A 27 18.12 -18.44 -17.12
C ARG A 27 17.01 -17.42 -16.85
N ASP A 28 17.29 -16.37 -16.07
CA ASP A 28 16.33 -15.31 -15.85
C ASP A 28 15.97 -14.63 -17.17
N LYS A 29 14.67 -14.52 -17.45
CA LYS A 29 14.17 -13.91 -18.67
C LYS A 29 13.31 -12.69 -18.33
N LEU A 30 13.73 -11.53 -18.80
CA LEU A 30 12.92 -10.30 -18.74
C LEU A 30 12.64 -9.87 -20.18
N SER A 31 11.43 -10.13 -20.65
CA SER A 31 11.14 -9.93 -22.07
C SER A 31 10.63 -8.54 -22.40
N SER A 32 10.14 -7.78 -21.42
CA SER A 32 9.71 -6.40 -21.62
C SER A 32 9.49 -5.73 -20.27
N THR A 33 9.39 -4.41 -20.31
CA THR A 33 9.06 -3.66 -19.10
C THR A 33 7.69 -4.04 -18.55
N ASN A 34 6.79 -4.60 -19.36
CA ASN A 34 5.49 -5.03 -18.85
CA ASN A 34 5.49 -4.98 -18.78
C ASN A 34 5.59 -6.21 -17.89
N GLN A 35 6.77 -6.84 -17.80
CA GLN A 35 7.02 -7.93 -16.85
CA GLN A 35 6.95 -7.92 -16.83
C GLN A 35 7.43 -7.42 -15.48
N LEU A 36 7.60 -6.12 -15.31
CA LEU A 36 7.95 -5.50 -14.03
C LEU A 36 6.72 -4.86 -13.43
N ARG A 37 6.55 -5.00 -12.12
CA ARG A 37 5.41 -4.43 -11.40
C ARG A 37 5.86 -3.88 -10.06
N SER A 38 5.30 -2.73 -9.71
CA SER A 38 5.34 -2.21 -8.34
C SER A 38 3.98 -2.41 -7.71
N VAL A 39 3.97 -2.87 -6.45
CA VAL A 39 2.73 -3.25 -5.81
C VAL A 39 2.74 -2.73 -4.39
N GLY A 40 1.56 -2.46 -3.85
CA GLY A 40 1.40 -1.98 -2.50
C GLY A 40 0.64 -2.97 -1.64
N LEU A 41 1.15 -3.27 -0.45
CA LEU A 41 0.49 -4.18 0.48
C LEU A 41 0.13 -3.45 1.77
N ASN A 42 -1.01 -3.79 2.34
CA ASN A 42 -1.55 -3.03 3.47
C ASN A 42 -1.02 -3.58 4.79
N LEU A 43 -0.62 -2.66 5.69
CA LEU A 43 -0.18 -3.08 7.01
C LEU A 43 -1.23 -3.93 7.71
N GLU A 44 -2.52 -3.68 7.43
CA GLU A 44 -3.62 -4.55 7.88
C GLU A 44 -3.28 -6.03 7.74
N GLY A 45 -2.80 -6.41 6.56
CA GLY A 45 -2.52 -7.81 6.25
C GLY A 45 -1.46 -8.44 7.11
N ASN A 46 -0.70 -7.64 7.87
CA ASN A 46 0.28 -8.19 8.80
C ASN A 46 -0.23 -8.24 10.23
N GLY A 47 -1.47 -7.82 10.47
CA GLY A 47 -2.07 -7.97 11.79
C GLY A 47 -1.93 -6.78 12.72
N VAL A 48 -1.59 -5.59 12.22
CA VAL A 48 -1.51 -4.43 13.11
C VAL A 48 -2.91 -4.01 13.54
N ALA A 49 -3.01 -3.49 14.76
CA ALA A 49 -4.28 -2.93 15.23
C ALA A 49 -4.71 -1.80 14.29
N THR A 50 -5.99 -1.80 13.92
CA THR A 50 -6.51 -0.85 12.95
C THR A 50 -7.47 0.17 13.53
N ASP A 51 -7.88 0.02 14.79
CA ASP A 51 -8.73 1.02 15.44
C ASP A 51 -8.06 2.39 15.43
N VAL A 52 -8.88 3.44 15.37
CA VAL A 52 -8.35 4.80 15.29
C VAL A 52 -7.35 5.10 16.41
N PRO A 53 -7.63 4.83 17.69
CA PRO A 53 -6.62 5.15 18.73
C PRO A 53 -5.29 4.46 18.50
N SER A 54 -5.29 3.19 18.11
CA SER A 54 -4.02 2.50 17.90
C SER A 54 -3.31 3.00 16.65
N ALA A 55 -4.06 3.29 15.58
CA ALA A 55 -3.43 3.61 14.30
C ALA A 55 -2.82 5.02 14.32
N THR A 56 -3.51 5.99 14.91
CA THR A 56 -2.98 7.34 14.97
C THR A 56 -1.72 7.44 15.82
N LYS A 57 -1.52 6.53 16.78
CA LYS A 57 -0.26 6.52 17.52
C LYS A 57 0.95 6.19 16.65
N ARG A 58 0.75 5.65 15.45
CA ARG A 58 1.86 5.33 14.57
C ARG A 58 2.30 6.51 13.69
N TRP A 59 1.62 7.66 13.77
CA TRP A 59 1.92 8.81 12.94
C TRP A 59 2.37 9.97 13.83
N GLY A 60 3.25 10.81 13.30
CA GLY A 60 3.81 11.91 14.07
C GLY A 60 4.29 13.03 13.18
N PHE A 61 4.33 14.23 13.75
CA PHE A 61 4.71 15.45 13.05
C PHE A 61 6.20 15.74 13.18
N ARG A 62 6.80 16.22 12.08
CA ARG A 62 8.24 16.40 11.99
C ARG A 62 8.53 17.52 10.98
N SER A 63 9.51 18.36 11.30
CA SER A 63 9.98 19.41 10.40
C SER A 63 11.37 19.08 9.88
N GLY A 64 11.72 19.69 8.75
CA GLY A 64 13.05 19.56 8.19
C GLY A 64 13.23 18.44 7.19
N VAL A 65 12.20 17.63 6.95
CA VAL A 65 12.31 16.49 6.05
C VAL A 65 11.35 16.68 4.88
N PRO A 66 11.86 16.88 3.66
CA PRO A 66 10.98 17.09 2.50
C PRO A 66 10.16 15.85 2.20
N PRO A 67 8.87 16.02 1.86
CA PRO A 67 8.04 14.86 1.49
C PRO A 67 8.51 14.21 0.20
N LYS A 68 8.23 12.91 0.08
CA LYS A 68 8.61 12.14 -1.10
C LYS A 68 7.46 11.23 -1.52
N VAL A 69 7.25 11.12 -2.83
CA VAL A 69 6.20 10.29 -3.41
C VAL A 69 6.85 9.30 -4.38
N VAL A 70 6.30 8.08 -4.42
CA VAL A 70 6.72 7.05 -5.38
C VAL A 70 5.45 6.37 -5.89
N ASN A 71 5.42 6.05 -7.18
CA ASN A 71 4.21 5.44 -7.70
C ASN A 71 4.22 3.93 -7.47
N TYR A 72 3.03 3.33 -7.54
CA TYR A 72 2.88 1.88 -7.47
C TYR A 72 1.65 1.55 -8.31
N GLU A 73 1.60 0.32 -8.84
CA GLU A 73 0.68 0.05 -9.93
C GLU A 73 -0.51 -0.82 -9.55
N ALA A 74 -0.42 -1.53 -8.44
CA ALA A 74 -1.49 -2.42 -8.01
C ALA A 74 -1.51 -2.40 -6.51
N GLY A 75 -2.69 -2.58 -5.94
CA GLY A 75 -2.82 -2.53 -4.50
C GLY A 75 -3.86 -3.51 -4.01
N GLU A 76 -4.05 -3.50 -2.71
CA GLU A 76 -4.93 -4.43 -2.01
C GLU A 76 -6.17 -3.69 -1.53
N TRP A 77 -7.34 -4.31 -1.70
CA TRP A 77 -8.55 -3.77 -1.08
C TRP A 77 -8.35 -3.68 0.43
N ALA A 78 -8.71 -2.54 1.00
CA ALA A 78 -8.51 -2.29 2.42
C ALA A 78 -9.80 -2.49 3.20
N GLU A 79 -9.66 -3.05 4.40
CA GLU A 79 -10.77 -3.00 5.33
C GLU A 79 -10.83 -1.64 6.02
N ASN A 80 -9.67 -1.04 6.33
CA ASN A 80 -9.59 0.20 7.09
C ASN A 80 -8.74 1.23 6.35
N CYS A 81 -9.33 2.40 6.10
CA CYS A 81 -8.61 3.58 5.63
C CYS A 81 -8.93 4.76 6.55
N TYR A 82 -8.17 5.85 6.38
CA TYR A 82 -8.29 6.98 7.26
C TYR A 82 -8.28 8.28 6.44
N ASN A 83 -8.90 9.31 7.00
CA ASN A 83 -9.06 10.60 6.34
C ASN A 83 -9.07 11.65 7.44
N LEU A 84 -8.10 12.57 7.42
CA LEU A 84 -7.81 13.43 8.56
C LEU A 84 -8.07 14.89 8.23
N GLU A 85 -8.87 15.54 9.09
CA GLU A 85 -9.08 17.00 9.08
C GLU A 85 -8.66 17.50 10.46
N ILE A 86 -7.36 17.75 10.65
CA ILE A 86 -6.81 18.15 11.94
C ILE A 86 -6.39 19.62 11.86
N LYS A 87 -6.79 20.41 12.84
CA LYS A 87 -6.42 21.81 12.95
C LYS A 87 -5.74 22.07 14.30
N LYS A 88 -4.91 23.11 14.35
CA LYS A 88 -4.43 23.57 15.64
C LYS A 88 -5.59 24.22 16.40
N PRO A 89 -5.44 24.38 17.72
CA PRO A 89 -6.49 25.12 18.47
C PRO A 89 -6.80 26.49 17.92
N ASP A 90 -5.86 27.14 17.23
CA ASP A 90 -6.10 28.48 16.68
C ASP A 90 -6.75 28.47 15.31
N GLY A 91 -7.09 27.30 14.76
CA GLY A 91 -7.82 27.23 13.51
C GLY A 91 -6.99 27.00 12.26
N SER A 92 -5.66 27.10 12.35
CA SER A 92 -4.83 26.86 11.19
C SER A 92 -4.72 25.37 10.89
N GLU A 93 -4.62 25.05 9.60
CA GLU A 93 -4.55 23.67 9.15
C GLU A 93 -3.22 23.04 9.58
N CYS A 94 -3.31 21.77 10.01
CA CYS A 94 -2.12 21.00 10.35
C CYS A 94 -1.57 20.20 9.18
N LEU A 95 -2.38 19.91 8.17
CA LEU A 95 -2.00 19.07 7.06
C LEU A 95 -2.06 19.84 5.76
N PRO A 96 -1.15 19.58 4.83
CA PRO A 96 -1.21 20.25 3.52
C PRO A 96 -2.31 19.69 2.64
N ALA A 97 -2.89 20.58 1.84
CA ALA A 97 -3.79 20.16 0.77
C ALA A 97 -3.12 19.14 -0.15
N ALA A 98 -3.91 18.20 -0.64
CA ALA A 98 -3.39 17.14 -1.49
C ALA A 98 -2.80 17.74 -2.77
N PRO A 99 -1.56 17.39 -3.13
CA PRO A 99 -1.01 17.87 -4.40
C PRO A 99 -1.87 17.42 -5.58
N ASP A 100 -1.79 18.19 -6.66
CA ASP A 100 -2.46 17.86 -7.90
C ASP A 100 -2.17 16.42 -8.31
N GLY A 101 -3.23 15.67 -8.61
CA GLY A 101 -3.10 14.31 -9.08
C GLY A 101 -3.01 13.26 -8.00
N ILE A 102 -3.14 13.63 -6.74
CA ILE A 102 -3.17 12.66 -5.64
C ILE A 102 -4.60 12.55 -5.14
N ARG A 103 -5.23 11.40 -5.35
CA ARG A 103 -6.58 11.09 -4.90
C ARG A 103 -6.54 10.00 -3.84
N GLY A 104 -7.68 9.79 -3.18
CA GLY A 104 -7.75 8.83 -2.09
C GLY A 104 -7.51 7.40 -2.55
N PHE A 105 -7.05 6.57 -1.61
CA PHE A 105 -6.89 5.14 -1.83
C PHE A 105 -8.20 4.54 -2.38
N PRO A 106 -8.14 3.72 -3.43
CA PRO A 106 -9.36 3.44 -4.21
C PRO A 106 -10.30 2.37 -3.68
N ARG A 107 -9.94 1.58 -2.66
CA ARG A 107 -10.82 0.51 -2.18
C ARG A 107 -10.75 0.44 -0.66
N CYS A 108 -11.80 0.91 0.01
CA CYS A 108 -11.84 0.97 1.47
C CYS A 108 -13.20 0.52 1.94
N ARG A 109 -13.25 -0.53 2.77
CA ARG A 109 -14.54 -0.92 3.33
C ARG A 109 -15.04 0.12 4.31
N TYR A 110 -14.15 0.62 5.17
CA TYR A 110 -14.48 1.63 6.16
C TYR A 110 -13.46 2.74 6.05
N VAL A 111 -13.94 3.97 5.91
CA VAL A 111 -13.10 5.16 5.96
C VAL A 111 -13.33 5.80 7.33
N HIS A 112 -12.27 5.85 8.13
CA HIS A 112 -12.30 6.48 9.45
C HIS A 112 -11.92 7.95 9.28
N LYS A 113 -12.91 8.84 9.37
CA LYS A 113 -12.68 10.25 9.15
C LYS A 113 -12.58 10.95 10.50
N VAL A 114 -11.40 11.47 10.82
CA VAL A 114 -11.11 12.06 12.11
C VAL A 114 -10.97 13.56 11.91
N SER A 115 -11.81 14.32 12.63
CA SER A 115 -11.76 15.77 12.67
C SER A 115 -11.41 16.21 14.09
N GLY A 116 -10.67 17.29 14.21
CA GLY A 116 -10.39 17.75 15.55
C GLY A 116 -9.14 18.60 15.60
N THR A 117 -8.50 18.58 16.77
CA THR A 117 -7.41 19.49 17.04
C THR A 117 -6.27 18.78 17.74
N GLY A 118 -5.07 19.29 17.51
CA GLY A 118 -3.88 18.87 18.20
C GLY A 118 -2.84 19.96 18.08
N PRO A 119 -1.70 19.80 18.74
CA PRO A 119 -0.66 20.82 18.67
C PRO A 119 0.11 20.79 17.34
N CYS A 120 0.20 19.63 16.71
CA CYS A 120 0.80 19.49 15.38
C CYS A 120 2.17 20.15 15.31
N ALA A 121 3.11 19.62 16.11
CA ALA A 121 4.41 20.25 16.27
C ALA A 121 5.39 19.72 15.23
N GLY A 122 5.17 20.14 13.99
CA GLY A 122 5.99 19.76 12.86
C GLY A 122 5.29 20.07 11.57
N ASP A 123 6.09 20.23 10.50
CA ASP A 123 5.52 20.67 9.23
C ASP A 123 4.75 19.58 8.49
N PHE A 124 5.09 18.31 8.70
CA PHE A 124 4.39 17.24 8.02
C PHE A 124 4.21 16.06 8.97
N ALA A 125 3.21 15.24 8.69
CA ALA A 125 2.92 14.06 9.49
C ALA A 125 3.48 12.82 8.77
N PHE A 126 4.38 12.10 9.45
CA PHE A 126 5.11 10.94 8.92
C PHE A 126 4.69 9.66 9.65
N HIS A 127 5.04 8.52 9.07
CA HIS A 127 4.79 7.22 9.69
C HIS A 127 5.97 6.88 10.60
N LYS A 128 5.70 6.72 11.89
CA LYS A 128 6.77 6.49 12.86
C LYS A 128 7.48 5.16 12.67
N GLU A 129 6.93 4.24 11.87
CA GLU A 129 7.60 2.97 11.60
C GLU A 129 8.19 2.90 10.20
N GLY A 130 8.13 3.98 9.44
CA GLY A 130 8.73 4.01 8.13
C GLY A 130 7.83 3.51 7.02
N ALA A 131 6.60 3.13 7.33
CA ALA A 131 5.64 2.75 6.32
C ALA A 131 5.25 3.96 5.47
N PHE A 132 4.51 3.69 4.41
CA PHE A 132 4.02 4.74 3.53
C PHE A 132 2.53 4.93 3.74
N PHE A 133 2.07 6.12 3.36
CA PHE A 133 0.65 6.38 3.22
C PHE A 133 0.29 6.12 1.77
N LEU A 134 -0.61 5.17 1.55
CA LEU A 134 -0.97 4.74 0.20
C LEU A 134 -2.20 5.52 -0.26
N TYR A 135 -2.04 6.24 -1.36
CA TYR A 135 -3.13 6.93 -2.03
C TYR A 135 -3.44 6.19 -3.34
N ASP A 136 -4.06 6.88 -4.28
CA ASP A 136 -4.41 6.25 -5.55
C ASP A 136 -3.18 6.04 -6.42
N ARG A 137 -2.53 4.88 -6.29
CA ARG A 137 -1.35 4.49 -7.07
C ARG A 137 -0.18 5.43 -6.85
N LEU A 138 -0.21 6.20 -5.78
CA LEU A 138 0.94 6.97 -5.32
C LEU A 138 1.10 6.73 -3.84
N ALA A 139 2.32 6.44 -3.42
CA ALA A 139 2.68 6.25 -2.02
C ALA A 139 3.46 7.47 -1.55
N SER A 140 3.06 8.02 -0.40
CA SER A 140 3.74 9.19 0.14
C SER A 140 4.30 8.90 1.52
N THR A 141 5.36 9.62 1.86
CA THR A 141 5.87 9.58 3.22
C THR A 141 5.05 10.45 4.18
N VAL A 142 4.08 11.23 3.69
CA VAL A 142 3.36 12.16 4.56
C VAL A 142 1.85 12.08 4.31
N ILE A 143 1.11 12.59 5.28
CA ILE A 143 -0.35 12.59 5.24
C ILE A 143 -0.84 13.91 4.64
N TYR A 144 -1.78 13.81 3.69
CA TYR A 144 -2.41 15.00 3.13
C TYR A 144 -3.80 15.21 3.74
N ARG A 145 -4.20 16.48 3.82
CA ARG A 145 -5.46 16.85 4.46
C ARG A 145 -6.64 16.25 3.71
N GLY A 146 -7.59 15.67 4.45
CA GLY A 146 -8.87 15.29 3.87
C GLY A 146 -8.78 14.28 2.75
N THR A 147 -7.74 13.43 2.76
CA THR A 147 -7.49 12.54 1.63
C THR A 147 -7.36 11.11 2.17
N THR A 148 -8.20 10.22 1.68
CA THR A 148 -8.28 8.88 2.23
C THR A 148 -7.04 8.05 1.87
N PHE A 149 -6.44 7.41 2.86
CA PHE A 149 -5.24 6.62 2.66
C PHE A 149 -5.32 5.32 3.44
N ALA A 150 -4.54 4.35 3.00
CA ALA A 150 -4.28 3.13 3.75
C ALA A 150 -2.81 3.13 4.13
N GLU A 151 -2.49 2.51 5.26
CA GLU A 151 -1.10 2.34 5.64
C GLU A 151 -0.54 1.14 4.89
N GLY A 152 0.63 1.31 4.27
CA GLY A 152 1.19 0.18 3.56
C GLY A 152 2.65 0.34 3.22
N VAL A 153 3.14 -0.67 2.48
CA VAL A 153 4.52 -0.76 2.02
C VAL A 153 4.54 -1.27 0.58
N VAL A 154 5.64 -0.99 -0.12
CA VAL A 154 5.76 -1.21 -1.56
C VAL A 154 6.77 -2.31 -1.85
N ALA A 155 6.46 -3.15 -2.85
CA ALA A 155 7.41 -4.12 -3.39
C ALA A 155 7.49 -4.00 -4.91
N PHE A 156 8.56 -4.57 -5.46
CA PHE A 156 8.84 -4.58 -6.89
C PHE A 156 9.07 -6.02 -7.35
N LEU A 157 8.50 -6.36 -8.51
CA LEU A 157 8.44 -7.74 -8.95
C LEU A 157 8.82 -7.87 -10.42
N ILE A 158 9.38 -9.02 -10.76
CA ILE A 158 9.37 -9.55 -12.12
C ILE A 158 8.25 -10.58 -12.18
N LEU A 159 7.27 -10.35 -13.06
CA LEU A 159 6.19 -11.30 -13.20
C LEU A 159 6.67 -12.56 -13.92
N PRO A 160 6.04 -13.70 -13.65
CA PRO A 160 6.34 -14.90 -14.43
C PRO A 160 5.94 -14.73 -15.89
N GLN A 161 6.67 -15.40 -16.78
CA GLN A 161 6.38 -15.32 -18.21
C GLN A 161 5.17 -16.19 -18.58
N GLY A 185 -19.96 -6.37 -5.31
CA GLY A 185 -19.49 -5.07 -5.76
C GLY A 185 -18.61 -4.38 -4.74
N TYR A 186 -18.53 -3.05 -4.80
CA TYR A 186 -17.68 -2.26 -3.93
C TYR A 186 -18.55 -1.36 -3.06
N TYR A 187 -18.43 -1.51 -1.75
CA TYR A 187 -19.18 -0.73 -0.77
C TYR A 187 -18.21 -0.04 0.16
N SER A 188 -18.51 1.22 0.49
CA SER A 188 -17.65 1.98 1.37
C SER A 188 -18.53 2.70 2.38
N THR A 189 -18.09 2.71 3.64
CA THR A 189 -18.85 3.33 4.71
C THR A 189 -17.92 4.24 5.50
N THR A 190 -18.35 5.47 5.73
CA THR A 190 -17.55 6.46 6.42
C THR A 190 -17.93 6.48 7.89
N ILE A 191 -16.93 6.37 8.76
CA ILE A 191 -17.12 6.46 10.20
C ILE A 191 -16.43 7.72 10.68
N ARG A 192 -17.18 8.59 11.34
CA ARG A 192 -16.71 9.94 11.70
C ARG A 192 -16.38 10.03 13.18
N TYR A 193 -15.34 10.81 13.48
CA TYR A 193 -14.84 10.94 14.84
C TYR A 193 -14.39 12.37 15.09
N GLN A 194 -14.48 12.79 16.34
CA GLN A 194 -13.86 14.03 16.78
CA GLN A 194 -13.90 14.03 16.83
C GLN A 194 -12.68 13.70 17.68
N ALA A 195 -11.69 14.57 17.67
CA ALA A 195 -10.46 14.32 18.39
C ALA A 195 -9.95 15.61 19.03
N THR A 196 -9.48 15.49 20.27
CA THR A 196 -8.71 16.54 20.91
C THR A 196 -7.34 15.98 21.29
N GLY A 197 -6.36 16.87 21.38
CA GLY A 197 -5.00 16.41 21.63
C GLY A 197 -4.51 15.42 20.62
N PHE A 198 -4.94 15.55 19.36
CA PHE A 198 -4.50 14.64 18.31
C PHE A 198 -2.98 14.65 18.21
N GLY A 199 -2.41 13.45 18.05
CA GLY A 199 -0.98 13.31 17.88
C GLY A 199 -0.17 13.37 19.16
N THR A 200 -0.78 13.15 20.32
CA THR A 200 -0.07 13.26 21.59
C THR A 200 -0.23 11.98 22.40
N ASN A 201 0.35 12.00 23.60
CA ASN A 201 0.22 10.86 24.51
C ASN A 201 -1.24 10.64 24.90
N GLU A 202 -1.92 11.71 25.30
CA GLU A 202 -3.29 11.65 25.83
C GLU A 202 -4.24 12.30 24.81
N THR A 203 -4.55 11.56 23.74
CA THR A 203 -5.54 11.96 22.77
C THR A 203 -6.91 11.43 23.18
N GLU A 204 -7.95 12.21 22.87
CA GLU A 204 -9.32 11.84 23.17
C GLU A 204 -10.12 11.73 21.88
N TYR A 205 -10.87 10.64 21.74
CA TYR A 205 -11.64 10.37 20.54
C TYR A 205 -13.10 10.17 20.89
N LEU A 206 -13.97 10.67 20.02
CA LEU A 206 -15.40 10.49 20.15
C LEU A 206 -15.95 9.98 18.84
N PHE A 207 -16.71 8.89 18.89
CA PHE A 207 -17.45 8.43 17.73
C PHE A 207 -18.73 9.24 17.60
N GLU A 208 -18.99 9.73 16.39
CA GLU A 208 -20.06 10.70 16.14
C GLU A 208 -21.32 9.99 15.65
N VAL A 209 -22.41 10.14 16.39
CA VAL A 209 -23.70 9.60 15.98
C VAL A 209 -24.50 10.63 15.19
N ASP A 210 -24.72 11.82 15.77
CA ASP A 210 -25.08 13.00 14.98
C ASP A 210 -24.26 14.15 15.53
N ASN A 211 -24.60 15.37 15.11
CA ASN A 211 -23.80 16.52 15.50
C ASN A 211 -23.88 16.84 16.98
N LEU A 212 -24.77 16.19 17.73
CA LEU A 212 -24.93 16.46 19.15
C LEU A 212 -24.87 15.20 20.00
N THR A 213 -24.53 14.05 19.41
CA THR A 213 -24.56 12.77 20.12
C THR A 213 -23.27 12.00 19.81
N TYR A 214 -22.48 11.74 20.84
CA TYR A 214 -21.16 11.14 20.69
C TYR A 214 -20.98 10.00 21.67
N VAL A 215 -20.08 9.08 21.33
CA VAL A 215 -19.76 7.91 22.15
C VAL A 215 -18.26 7.92 22.42
N GLN A 216 -17.89 7.75 23.70
CA GLN A 216 -16.48 7.68 24.05
C GLN A 216 -15.84 6.50 23.37
N LEU A 217 -14.84 6.75 22.54
CA LEU A 217 -14.25 5.70 21.74
C LEU A 217 -13.24 4.89 22.55
N GLU A 218 -13.30 3.57 22.40
CA GLU A 218 -12.31 2.66 22.94
C GLU A 218 -11.61 1.93 21.79
N SER A 219 -10.38 1.48 22.06
CA SER A 219 -9.61 0.76 21.05
C SER A 219 -10.33 -0.51 20.61
N ARG A 220 -10.97 -1.21 21.54
CA ARG A 220 -11.59 -2.50 21.28
C ARG A 220 -12.83 -2.40 20.39
N PHE A 221 -13.31 -1.21 20.10
CA PHE A 221 -14.51 -1.06 19.28
C PHE A 221 -14.18 -1.31 17.82
N THR A 222 -14.72 -2.37 17.24
CA THR A 222 -14.56 -2.66 15.82
C THR A 222 -15.48 -1.77 14.99
N PRO A 223 -15.19 -1.59 13.70
CA PRO A 223 -16.10 -0.80 12.86
C PRO A 223 -17.52 -1.34 12.85
N GLN A 224 -17.68 -2.66 12.72
CA GLN A 224 -19.02 -3.24 12.72
C GLN A 224 -19.76 -2.93 14.01
N PHE A 225 -19.05 -2.96 15.14
CA PHE A 225 -19.67 -2.62 16.41
C PHE A 225 -20.10 -1.16 16.44
N LEU A 226 -19.27 -0.24 15.93
CA LEU A 226 -19.65 1.16 15.95
C LEU A 226 -20.89 1.40 15.10
N LEU A 227 -20.99 0.72 13.95
CA LEU A 227 -22.17 0.89 13.10
C LEU A 227 -23.42 0.32 13.77
N GLN A 228 -23.30 -0.80 14.48
CA GLN A 228 -24.45 -1.33 15.21
C GLN A 228 -24.81 -0.45 16.38
N LEU A 229 -23.80 0.06 17.08
CA LEU A 229 -24.04 1.00 18.17
C LEU A 229 -24.78 2.24 17.65
N ASN A 230 -24.44 2.69 16.44
CA ASN A 230 -25.09 3.85 15.87
C ASN A 230 -26.55 3.55 15.53
N GLU A 231 -26.83 2.37 14.96
CA GLU A 231 -28.19 2.06 14.57
C GLU A 231 -29.10 1.87 15.78
N THR A 232 -28.58 1.26 16.84
CA THR A 232 -29.40 1.07 18.03
C THR A 232 -29.61 2.38 18.80
N ILE A 233 -28.74 3.37 18.64
CA ILE A 233 -28.99 4.66 19.26
C ILE A 233 -30.10 5.41 18.54
N TYR A 234 -30.10 5.36 17.19
CA TYR A 234 -31.18 5.99 16.45
C TYR A 234 -32.52 5.31 16.71
N THR A 235 -32.55 3.98 16.71
CA THR A 235 -33.80 3.26 16.86
C THR A 235 -34.32 3.27 18.29
N SER A 236 -33.45 3.40 19.28
CA SER A 236 -33.89 3.50 20.67
C SER A 236 -34.18 4.93 21.10
N GLY A 237 -33.89 5.91 20.26
CA GLY A 237 -34.10 7.29 20.65
C GLY A 237 -33.16 7.77 21.73
N LYS A 238 -31.91 7.32 21.72
CA LYS A 238 -30.92 7.79 22.67
C LYS A 238 -30.08 8.95 22.12
N ARG A 239 -30.51 9.54 21.01
CA ARG A 239 -29.89 10.77 20.54
C ARG A 239 -30.28 11.95 21.44
N SER A 240 -29.43 12.97 21.45
CA SER A 240 -29.73 14.18 22.20
C SER A 240 -31.06 14.76 21.72
N ASN A 241 -31.91 15.16 22.67
CA ASN A 241 -33.11 15.92 22.32
C ASN A 241 -33.09 17.32 22.93
N THR A 242 -31.90 17.85 23.18
CA THR A 242 -31.72 19.25 23.50
C THR A 242 -30.77 19.88 22.49
N THR A 243 -30.50 21.16 22.68
CA THR A 243 -29.50 21.88 21.90
C THR A 243 -28.07 21.50 22.28
N GLY A 244 -27.90 20.77 23.39
CA GLY A 244 -26.59 20.47 23.94
C GLY A 244 -26.05 19.13 23.48
N LYS A 245 -24.78 18.91 23.83
CA LYS A 245 -23.99 17.78 23.35
C LYS A 245 -24.11 16.63 24.33
N LEU A 246 -24.55 15.47 23.85
CA LEU A 246 -24.74 14.28 24.66
C LEU A 246 -23.64 13.26 24.35
N ILE A 247 -22.97 12.77 25.39
CA ILE A 247 -21.83 11.87 25.25
C ILE A 247 -22.12 10.61 26.04
N TRP A 248 -22.07 9.46 25.37
CA TRP A 248 -22.33 8.16 26.01
C TRP A 248 -21.02 7.43 26.29
N LYS A 249 -20.98 6.73 27.42
CA LYS A 249 -19.94 5.75 27.70
C LYS A 249 -20.59 4.37 27.68
N VAL A 250 -19.92 3.42 27.04
CA VAL A 250 -20.43 2.08 26.82
C VAL A 250 -19.75 1.11 27.79
N ASN A 251 -20.55 0.21 28.37
CA ASN A 251 -20.16 -0.78 29.38
C ASN A 251 -19.15 -1.79 28.83
N PRO A 252 -18.64 -2.71 29.67
CA PRO A 252 -17.68 -3.72 29.18
C PRO A 252 -18.06 -4.45 27.89
N GLU A 253 -19.34 -4.79 27.70
CA GLU A 253 -19.75 -5.62 26.56
C GLU A 253 -19.32 -5.06 25.21
N GLU A 260 -8.58 -10.75 19.62
CA GLU A 260 -7.35 -11.42 19.21
C GLU A 260 -7.49 -12.05 17.83
N TRP A 261 -8.56 -11.68 17.13
CA TRP A 261 -8.87 -12.23 15.83
C TRP A 261 -8.81 -11.13 14.77
N ALA A 262 -8.14 -11.42 13.66
CA ALA A 262 -7.97 -10.46 12.58
C ALA A 262 -9.24 -10.39 11.72
N PHE A 263 -9.38 -9.27 10.99
CA PHE A 263 -10.65 -8.98 10.31
C PHE A 263 -10.99 -10.03 9.26
N TRP A 264 -9.99 -10.66 8.66
CA TRP A 264 -10.24 -11.65 7.61
C TRP A 264 -10.52 -13.05 8.14
N GLU A 265 -10.27 -13.30 9.43
CA GLU A 265 -10.47 -14.62 10.02
C GLU A 265 -11.64 -14.64 10.98
N THR A 266 -12.53 -13.65 10.90
CA THR A 266 -13.72 -13.60 11.74
C THR A 266 -14.99 -13.65 10.90
N UNK A 286 -23.38 16.99 29.15
CA UNK A 286 -24.11 15.79 29.57
C UNK A 286 -23.42 14.49 29.13
N UNK A 287 -22.90 13.74 30.12
CA UNK A 287 -22.36 12.40 29.89
C UNK A 287 -23.36 11.34 30.37
N UNK A 288 -23.07 10.06 30.15
CA UNK A 288 -24.00 8.98 30.50
C UNK A 288 -23.42 7.59 30.28
N UNK A 289 -24.20 6.57 30.64
CA UNK A 289 -23.74 5.18 30.55
C UNK A 289 -24.77 4.30 29.84
N UNK A 290 -24.30 3.17 29.32
CA UNK A 290 -25.18 2.23 28.63
C UNK A 290 -24.59 0.83 28.74
N UNK A 291 -25.35 -0.07 29.36
CA UNK A 291 -24.91 -1.44 29.55
C UNK A 291 -25.87 -2.42 28.86
N GLU B 1 18.19 -14.96 -1.64
CA GLU B 1 17.63 -15.72 -0.54
C GLU B 1 16.11 -15.83 -0.68
N ALA B 2 15.54 -16.83 -0.02
CA ALA B 2 14.09 -16.96 0.03
C ALA B 2 13.51 -16.00 1.06
N ILE B 3 12.28 -15.57 0.82
CA ILE B 3 11.65 -14.59 1.70
C ILE B 3 11.04 -15.32 2.89
N VAL B 4 11.33 -14.82 4.09
CA VAL B 4 10.90 -15.47 5.34
C VAL B 4 9.90 -14.54 6.02
N ASN B 5 8.60 -14.80 5.86
CA ASN B 5 7.59 -13.99 6.54
C ASN B 5 7.77 -14.11 8.05
N ALA B 6 8.04 -12.98 8.71
CA ALA B 6 8.20 -12.93 10.16
C ALA B 6 7.24 -11.93 10.78
N GLN B 7 6.07 -11.77 10.17
CA GLN B 7 5.04 -10.86 10.65
C GLN B 7 4.18 -11.53 11.72
N PRO B 8 3.54 -10.75 12.60
CA PRO B 8 2.65 -11.37 13.60
C PRO B 8 1.52 -12.17 12.97
N LYS B 9 1.00 -11.74 11.81
CA LYS B 9 -0.06 -12.45 11.12
C LYS B 9 0.14 -12.31 9.62
N CYS B 10 -0.61 -13.10 8.86
CA CYS B 10 -0.59 -13.02 7.41
C CYS B 10 -2.00 -13.24 6.90
N ASN B 11 -2.50 -12.31 6.10
CA ASN B 11 -3.75 -12.54 5.41
C ASN B 11 -3.41 -13.36 4.15
N PRO B 12 -3.79 -14.64 4.10
CA PRO B 12 -3.29 -15.50 3.00
C PRO B 12 -3.95 -15.23 1.66
N ASN B 13 -5.00 -14.43 1.61
CA ASN B 13 -5.69 -14.13 0.38
C ASN B 13 -5.45 -12.67 0.01
N LEU B 14 -5.24 -12.43 -1.28
CA LEU B 14 -4.94 -11.08 -1.78
C LEU B 14 -6.08 -10.67 -2.69
N HIS B 15 -6.99 -9.86 -2.16
CA HIS B 15 -8.02 -9.20 -2.97
C HIS B 15 -7.44 -7.89 -3.46
N TYR B 16 -7.10 -7.83 -4.75
CA TYR B 16 -6.32 -6.72 -5.28
C TYR B 16 -7.09 -5.89 -6.31
N TRP B 17 -6.56 -4.69 -6.56
CA TRP B 17 -7.03 -3.82 -7.62
C TRP B 17 -5.83 -3.33 -8.42
N THR B 18 -6.04 -3.07 -9.70
CA THR B 18 -5.02 -2.47 -10.56
C THR B 18 -5.69 -1.90 -11.80
N THR B 19 -4.88 -1.48 -12.77
CA THR B 19 -5.35 -1.04 -14.07
C THR B 19 -4.78 -1.95 -15.15
N GLN B 20 -5.28 -1.75 -16.38
CA GLN B 20 -4.70 -2.39 -17.55
C GLN B 20 -4.65 -1.36 -18.67
N ASP B 21 -3.44 -1.08 -19.17
CA ASP B 21 -3.30 -0.07 -20.21
C ASP B 21 -3.64 -0.59 -21.60
N GLU B 22 -3.67 -1.90 -21.81
CA GLU B 22 -4.07 -2.50 -23.07
C GLU B 22 -5.49 -3.03 -23.02
N GLY B 23 -6.37 -2.35 -22.27
CA GLY B 23 -7.73 -2.81 -22.08
C GLY B 23 -8.61 -2.65 -23.30
N ALA B 24 -9.04 -3.76 -23.92
CA ALA B 24 -9.87 -3.74 -25.11
C ALA B 24 -11.19 -3.02 -24.86
N ALA B 25 -11.27 -1.75 -25.24
CA ALA B 25 -12.47 -0.96 -25.00
C ALA B 25 -13.54 -1.28 -26.05
N ILE B 26 -14.79 -1.30 -25.61
CA ILE B 26 -15.93 -1.50 -26.50
C ILE B 26 -16.41 -0.14 -26.98
N GLY B 27 -16.44 0.04 -28.30
CA GLY B 27 -16.96 1.28 -28.86
C GLY B 27 -16.13 2.49 -28.46
N LEU B 28 -16.81 3.49 -27.88
CA LEU B 28 -16.22 4.79 -27.58
C LEU B 28 -15.67 4.90 -26.17
N ALA B 29 -15.70 3.82 -25.38
CA ALA B 29 -15.30 3.90 -23.97
C ALA B 29 -13.85 4.35 -23.78
N TRP B 30 -12.99 4.20 -24.79
CA TRP B 30 -11.60 4.63 -24.67
C TRP B 30 -11.46 6.15 -24.78
N ILE B 31 -12.44 6.85 -25.35
CA ILE B 31 -12.40 8.30 -25.48
C ILE B 31 -12.57 8.92 -24.10
N PRO B 32 -11.61 9.71 -23.61
CA PRO B 32 -11.71 10.25 -22.24
C PRO B 32 -13.06 10.91 -21.96
N TYR B 33 -13.54 11.74 -22.90
CA TYR B 33 -14.83 12.40 -22.72
C TYR B 33 -15.97 11.41 -22.45
N PHE B 34 -15.91 10.21 -23.04
CA PHE B 34 -16.99 9.25 -22.89
C PHE B 34 -16.70 8.16 -21.87
N GLY B 35 -15.47 8.02 -21.40
CA GLY B 35 -15.09 6.87 -20.63
C GLY B 35 -15.39 7.00 -19.14
N PRO B 36 -14.89 6.04 -18.35
CA PRO B 36 -15.20 6.04 -16.92
C PRO B 36 -14.50 7.15 -16.17
N ALA B 37 -15.12 7.55 -15.06
CA ALA B 37 -14.51 8.48 -14.12
C ALA B 37 -13.31 7.83 -13.44
N ALA B 38 -12.57 8.64 -12.67
CA ALA B 38 -11.39 8.15 -11.97
C ALA B 38 -11.67 6.92 -11.12
N GLU B 39 -12.89 6.81 -10.59
CA GLU B 39 -13.20 5.72 -9.67
C GLU B 39 -13.49 4.40 -10.38
N GLY B 40 -13.73 4.44 -11.70
CA GLY B 40 -14.13 3.25 -12.43
C GLY B 40 -13.09 2.68 -13.39
N ILE B 41 -11.82 2.99 -13.20
CA ILE B 41 -10.78 2.55 -14.13
C ILE B 41 -10.10 1.26 -13.66
N TYR B 42 -10.64 0.64 -12.63
CA TYR B 42 -9.93 -0.45 -11.95
C TYR B 42 -10.51 -1.80 -12.31
N ILE B 43 -9.62 -2.77 -12.50
CA ILE B 43 -9.98 -4.17 -12.51
C ILE B 43 -9.70 -4.74 -11.12
N GLU B 44 -10.31 -5.87 -10.81
CA GLU B 44 -10.11 -6.52 -9.53
C GLU B 44 -9.76 -8.00 -9.74
N GLY B 45 -9.10 -8.59 -8.74
CA GLY B 45 -8.79 -10.00 -8.75
C GLY B 45 -8.62 -10.52 -7.34
N LEU B 46 -8.55 -11.85 -7.23
CA LEU B 46 -8.36 -12.53 -5.96
C LEU B 46 -7.29 -13.61 -6.14
N MET B 47 -6.23 -13.53 -5.36
CA MET B 47 -5.13 -14.48 -5.46
C MET B 47 -4.92 -15.19 -4.12
N HIS B 48 -4.84 -16.51 -4.16
CA HIS B 48 -4.66 -17.31 -2.96
C HIS B 48 -3.18 -17.61 -2.74
N ASN B 49 -2.88 -18.27 -1.61
CA ASN B 49 -1.51 -18.41 -1.13
C ASN B 49 -0.79 -19.62 -1.70
N GLN B 50 -1.09 -20.01 -2.94
CA GLN B 50 -0.33 -21.08 -3.57
C GLN B 50 1.15 -20.76 -3.55
N ASP B 51 1.96 -21.76 -3.22
CA ASP B 51 3.42 -21.61 -3.09
C ASP B 51 3.81 -20.56 -2.07
N GLY B 52 2.88 -20.19 -1.18
CA GLY B 52 3.16 -19.18 -0.17
C GLY B 52 3.47 -17.80 -0.71
N LEU B 53 2.98 -17.47 -1.91
CA LEU B 53 3.39 -16.21 -2.53
C LEU B 53 2.79 -15.00 -1.82
N ILE B 54 1.57 -15.10 -1.33
CA ILE B 54 0.95 -13.94 -0.69
C ILE B 54 1.74 -13.55 0.55
N CYS B 55 1.98 -14.51 1.44
CA CYS B 55 2.76 -14.22 2.65
C CYS B 55 4.18 -13.81 2.30
N GLY B 56 4.75 -14.38 1.23
CA GLY B 56 6.04 -13.90 0.75
C GLY B 56 5.99 -12.45 0.31
N LEU B 57 4.94 -12.07 -0.43
CA LEU B 57 4.79 -10.69 -0.90
C LEU B 57 4.72 -9.70 0.27
N ARG B 58 3.94 -10.02 1.29
CA ARG B 58 3.83 -9.11 2.42
C ARG B 58 5.19 -8.90 3.08
N GLN B 59 5.98 -9.96 3.22
CA GLN B 59 7.30 -9.83 3.83
C GLN B 59 8.26 -9.07 2.93
N LEU B 60 8.18 -9.32 1.62
CA LEU B 60 9.05 -8.62 0.66
C LEU B 60 8.82 -7.12 0.70
N ALA B 61 7.56 -6.69 0.63
CA ALA B 61 7.26 -5.27 0.69
C ALA B 61 7.74 -4.67 2.01
N ASN B 62 7.52 -5.38 3.10
CA ASN B 62 8.04 -4.96 4.40
C ASN B 62 9.55 -4.73 4.35
N GLU B 63 10.30 -5.70 3.80
CA GLU B 63 11.76 -5.63 3.78
C GLU B 63 12.30 -4.65 2.75
N THR B 64 11.52 -4.34 1.71
CA THR B 64 11.92 -3.35 0.72
C THR B 64 11.99 -1.93 1.31
N THR B 65 11.30 -1.68 2.42
CA THR B 65 11.01 -0.31 2.82
C THR B 65 12.27 0.48 3.15
N GLN B 66 13.22 -0.12 3.88
CA GLN B 66 14.42 0.62 4.25
C GLN B 66 15.17 1.10 3.02
N ALA B 67 15.42 0.20 2.06
CA ALA B 67 16.16 0.61 0.87
C ALA B 67 15.38 1.63 0.06
N LEU B 68 14.06 1.44 -0.04
CA LEU B 68 13.24 2.37 -0.81
C LEU B 68 13.22 3.76 -0.16
N GLN B 69 13.10 3.81 1.17
CA GLN B 69 13.14 5.09 1.88
C GLN B 69 14.49 5.79 1.70
N LEU B 70 15.59 5.04 1.80
CA LEU B 70 16.90 5.66 1.64
C LEU B 70 17.09 6.20 0.22
N PHE B 71 16.53 5.50 -0.77
CA PHE B 71 16.53 6.03 -2.12
C PHE B 71 15.73 7.33 -2.20
N LEU B 72 14.54 7.37 -1.60
CA LEU B 72 13.71 8.57 -1.68
C LEU B 72 14.37 9.75 -0.97
N ARG B 73 15.06 9.50 0.14
CA ARG B 73 15.79 10.57 0.81
C ARG B 73 16.81 11.24 -0.10
N ALA B 74 17.49 10.45 -0.93
CA ALA B 74 18.62 10.95 -1.70
C ALA B 74 18.23 11.59 -3.03
N THR B 75 17.03 11.33 -3.52
CA THR B 75 16.58 11.97 -4.76
C THR B 75 15.91 13.31 -4.45
N THR B 76 16.09 14.27 -5.36
CA THR B 76 15.42 15.55 -5.31
C THR B 76 14.14 15.56 -6.14
N GLU B 77 13.83 14.46 -6.80
CA GLU B 77 12.60 14.35 -7.57
C GLU B 77 11.41 14.25 -6.62
N LEU B 78 10.38 15.07 -6.87
CA LEU B 78 9.24 15.09 -5.97
C LEU B 78 8.44 13.80 -6.06
N ARG B 79 8.21 13.30 -7.27
CA ARG B 79 7.49 12.06 -7.49
C ARG B 79 8.33 11.15 -8.37
N THR B 80 8.63 9.95 -7.87
CA THR B 80 9.51 9.03 -8.57
C THR B 80 8.71 7.99 -9.34
N PHE B 81 8.83 8.02 -10.67
CA PHE B 81 8.19 7.04 -11.53
C PHE B 81 9.18 6.10 -12.23
N SER B 82 10.47 6.22 -11.97
CA SER B 82 11.48 5.66 -12.87
C SER B 82 12.16 4.41 -12.34
N ILE B 83 11.72 3.87 -11.19
CA ILE B 83 12.46 2.80 -10.55
C ILE B 83 12.45 1.53 -11.40
N LEU B 84 11.30 1.17 -11.98
CA LEU B 84 11.23 -0.05 -12.76
C LEU B 84 12.00 0.07 -14.06
N ASN B 85 11.90 1.22 -14.74
CA ASN B 85 12.70 1.41 -15.94
C ASN B 85 14.18 1.32 -15.64
N ARG B 86 14.62 1.94 -14.54
CA ARG B 86 16.03 1.85 -14.18
C ARG B 86 16.43 0.41 -13.90
N LYS B 87 15.55 -0.37 -13.27
CA LYS B 87 15.88 -1.76 -12.99
C LYS B 87 16.01 -2.56 -14.29
N ALA B 88 15.15 -2.29 -15.29
CA ALA B 88 15.29 -2.98 -16.57
C ALA B 88 16.60 -2.61 -17.24
N ILE B 89 17.01 -1.34 -17.14
CA ILE B 89 18.30 -0.95 -17.69
C ILE B 89 19.42 -1.70 -16.98
N ASP B 90 19.37 -1.77 -15.64
CA ASP B 90 20.43 -2.44 -14.90
C ASP B 90 20.46 -3.94 -15.22
N PHE B 91 19.29 -4.54 -15.42
CA PHE B 91 19.22 -5.92 -15.88
C PHE B 91 20.02 -6.11 -17.16
N LEU B 92 19.86 -5.18 -18.12
CA LEU B 92 20.58 -5.26 -19.38
C LEU B 92 22.06 -4.98 -19.21
N LEU B 93 22.42 -3.95 -18.44
CA LEU B 93 23.84 -3.63 -18.26
C LEU B 93 24.59 -4.77 -17.57
N GLN B 94 23.92 -5.48 -16.65
CA GLN B 94 24.56 -6.59 -15.94
C GLN B 94 25.02 -7.68 -16.90
N ARG B 95 24.27 -7.91 -17.98
CA ARG B 95 24.55 -8.95 -18.96
C ARG B 95 25.32 -8.43 -20.17
N TRP B 96 25.02 -7.22 -20.63
CA TRP B 96 25.52 -6.71 -21.90
C TRP B 96 26.31 -5.42 -21.76
N GLY B 97 26.58 -4.97 -20.54
CA GLY B 97 27.39 -3.78 -20.30
C GLY B 97 28.87 -3.92 -20.58
N GLY B 98 29.29 -5.00 -21.23
CA GLY B 98 30.68 -5.19 -21.56
C GLY B 98 30.81 -6.32 -22.55
N THR B 99 32.04 -6.59 -22.96
CA THR B 99 32.30 -7.67 -23.90
C THR B 99 31.81 -9.00 -23.33
N CYS B 100 31.11 -9.76 -24.17
CA CYS B 100 30.52 -11.04 -23.77
C CYS B 100 31.47 -12.17 -24.20
N HIS B 101 32.08 -12.84 -23.22
CA HIS B 101 33.01 -13.93 -23.49
C HIS B 101 32.25 -15.25 -23.48
N ILE B 102 32.07 -15.83 -24.67
CA ILE B 102 31.33 -17.09 -24.78
C ILE B 102 31.99 -18.17 -23.93
N LEU B 103 31.15 -18.89 -23.18
CA LEU B 103 31.45 -19.99 -22.25
C LEU B 103 31.89 -19.44 -20.89
N GLY B 104 32.03 -18.12 -20.74
CA GLY B 104 32.36 -17.53 -19.47
C GLY B 104 31.10 -17.32 -18.63
N PRO B 105 31.27 -17.30 -17.31
CA PRO B 105 30.09 -17.27 -16.42
C PRO B 105 29.26 -16.00 -16.50
N ASP B 106 29.74 -14.92 -17.13
CA ASP B 106 28.99 -13.67 -17.19
C ASP B 106 28.49 -13.35 -18.60
N CYS B 107 28.42 -14.36 -19.47
CA CYS B 107 28.00 -14.18 -20.86
C CYS B 107 26.85 -15.13 -21.16
N CYS B 108 25.66 -14.56 -21.31
CA CYS B 108 24.42 -15.31 -21.53
C CYS B 108 24.22 -15.66 -23.00
N ILE B 109 25.22 -16.27 -23.63
CA ILE B 109 25.14 -16.70 -25.02
C ILE B 109 25.29 -18.22 -25.06
N GLU B 110 24.32 -18.89 -25.67
CA GLU B 110 24.35 -20.34 -25.76
C GLU B 110 24.88 -20.75 -27.14
N PRO B 111 26.09 -21.29 -27.25
CA PRO B 111 26.56 -21.77 -28.55
C PRO B 111 26.24 -23.22 -28.82
N ALA B 112 25.29 -23.81 -28.07
CA ALA B 112 25.05 -25.24 -28.17
C ALA B 112 24.68 -25.65 -29.58
N ASP B 113 23.57 -25.11 -30.10
CA ASP B 113 23.13 -25.46 -31.45
C ASP B 113 24.16 -25.07 -32.50
N TRP B 114 24.93 -24.00 -32.26
CA TRP B 114 25.97 -23.63 -33.21
C TRP B 114 27.16 -24.58 -33.13
N THR B 115 27.51 -25.01 -31.90
CA THR B 115 28.56 -26.02 -31.76
C THR B 115 28.13 -27.33 -32.42
N LYS B 116 26.87 -27.72 -32.24
CA LYS B 116 26.37 -28.93 -32.88
C LYS B 116 26.26 -28.75 -34.40
N ASN B 117 25.88 -27.54 -34.84
CA ASN B 117 25.84 -27.25 -36.27
C ASN B 117 27.23 -27.40 -36.90
N ILE B 118 28.26 -26.93 -36.18
CA ILE B 118 29.62 -27.12 -36.66
C ILE B 118 30.01 -28.59 -36.59
N THR B 119 29.57 -29.29 -35.54
CA THR B 119 29.99 -30.68 -35.35
C THR B 119 29.46 -31.58 -36.46
N ASP B 120 28.24 -31.30 -36.94
CA ASP B 120 27.70 -32.10 -38.05
C ASP B 120 28.50 -31.89 -39.33
N LYS B 121 29.12 -30.72 -39.50
CA LYS B 121 29.88 -30.44 -40.71
C LYS B 121 31.25 -31.12 -40.69
N ILE B 122 31.88 -31.22 -39.51
CA ILE B 122 33.18 -31.87 -39.42
C ILE B 122 33.04 -33.37 -39.66
N ASP B 123 32.02 -33.99 -39.07
CA ASP B 123 31.73 -35.40 -39.37
C ASP B 123 31.49 -35.59 -40.86
N GLN B 124 30.92 -34.59 -41.54
CA GLN B 124 30.79 -34.66 -42.99
C GLN B 124 32.15 -34.54 -43.68
N ILE B 125 33.02 -33.67 -43.15
CA ILE B 125 34.35 -33.50 -43.74
C ILE B 125 35.19 -34.74 -43.55
N ILE B 126 35.08 -35.39 -42.39
CA ILE B 126 35.82 -36.63 -42.14
C ILE B 126 35.37 -37.72 -43.10
N HIS B 127 34.07 -37.74 -43.42
CA HIS B 127 33.57 -38.72 -44.38
C HIS B 127 34.16 -38.53 -45.76
N ASP B 128 34.50 -37.29 -46.11
CA ASP B 128 35.10 -36.99 -47.41
C ASP B 128 36.47 -37.63 -47.56
#